data_6RJL
#
_entry.id   6RJL
#
_cell.length_a   82.200
_cell.length_b   112.390
_cell.length_c   62.740
_cell.angle_alpha   90.00
_cell.angle_beta   90.00
_cell.angle_gamma   90.00
#
_symmetry.space_group_name_H-M   'C 2 2 21'
#
loop_
_entity.id
_entity.type
_entity.pdbx_description
1 polymer '14-3-3 protein sigma'
2 polymer TAZpS89
3 non-polymer 5-(3-azanylpropyl)-4-phenyl-thiophene-2-carboximidamide
4 water water
#
loop_
_entity_poly.entity_id
_entity_poly.type
_entity_poly.pdbx_seq_one_letter_code
_entity_poly.pdbx_strand_id
1 'polypeptide(L)'
;GAMGSMERASLIQKAKLAEQAERYEDMAAFMKGAVEKGEELSCEERNLLSVAYKNVVGGQRAAWRVLSSIEQKSNEEGSE
EKGPEVREYREKVETELQGVCDTVLGLLDSHLIKEAGDAESRVFYLKMKGDYYRYLAEVATGDDKKRIIDSARSAYQEAM
DISKKEMPPTNPIRLGLALNFSVFHYEIANSPEEAISLAKTTFDEAMADLHTLSEDSYKDSTLIMQLLRDNLTLWTADNA
GEEGGEAPQEPQS
;
A
2 'polypeptide(L)' RSH(SEP)SPASLQLGT P
#
# COMPACT_ATOMS: atom_id res chain seq x y z
N GLY A 1 8.27 3.26 -23.56
CA GLY A 1 8.73 2.34 -22.50
C GLY A 1 9.38 1.11 -23.10
N ALA A 2 10.32 0.52 -22.36
CA ALA A 2 11.04 -0.65 -22.84
C ALA A 2 10.12 -1.85 -23.02
N MET A 3 8.92 -1.83 -22.43
CA MET A 3 7.95 -2.90 -22.63
C MET A 3 6.98 -2.63 -23.76
N GLY A 4 7.13 -1.52 -24.49
CA GLY A 4 6.17 -1.16 -25.51
C GLY A 4 6.03 -2.17 -26.63
N SER A 5 7.09 -2.94 -26.90
CA SER A 5 7.09 -3.90 -27.98
C SER A 5 6.60 -5.28 -27.57
N MET A 6 6.35 -5.53 -26.29
CA MET A 6 5.92 -6.84 -25.84
C MET A 6 4.40 -6.90 -25.72
N GLU A 7 3.84 -8.01 -26.15
CA GLU A 7 2.40 -8.23 -26.04
C GLU A 7 1.93 -8.11 -24.60
N ARG A 8 0.72 -7.56 -24.43
CA ARG A 8 0.09 -7.50 -23.12
C ARG A 8 0.06 -8.87 -22.44
N ALA A 9 -0.37 -9.89 -23.16
CA ALA A 9 -0.50 -11.21 -22.54
C ALA A 9 0.85 -11.75 -22.12
N SER A 10 1.89 -11.47 -22.90
CA SER A 10 3.23 -11.91 -22.57
C SER A 10 3.76 -11.18 -21.34
N LEU A 11 3.45 -9.90 -21.19
CA LEU A 11 3.85 -9.16 -19.98
C LEU A 11 3.20 -9.77 -18.75
N ILE A 12 1.90 -10.09 -18.83
N ILE A 12 1.92 -10.14 -18.82
CA ILE A 12 1.21 -10.72 -17.71
CA ILE A 12 1.26 -10.70 -17.66
C ILE A 12 1.84 -12.07 -17.39
C ILE A 12 1.79 -12.10 -17.37
N GLN A 13 2.07 -12.88 -18.42
CA GLN A 13 2.70 -14.18 -18.22
C GLN A 13 4.05 -14.04 -17.51
N LYS A 14 4.86 -13.10 -17.98
CA LYS A 14 6.19 -12.90 -17.40
C LYS A 14 6.11 -12.31 -15.99
N ALA A 15 5.10 -11.48 -15.71
CA ALA A 15 4.93 -11.02 -14.32
C ALA A 15 4.70 -12.20 -13.39
N LYS A 16 3.90 -13.18 -13.83
CA LYS A 16 3.65 -14.34 -13.00
C LYS A 16 4.91 -15.18 -12.81
N LEU A 17 5.71 -15.31 -13.86
CA LEU A 17 7.00 -16.02 -13.75
C LEU A 17 7.93 -15.28 -12.80
N ALA A 18 7.99 -13.94 -12.93
CA ALA A 18 8.84 -13.14 -12.06
C ALA A 18 8.42 -13.31 -10.61
N GLU A 19 7.12 -13.35 -10.34
CA GLU A 19 6.64 -13.61 -8.98
C GLU A 19 7.20 -14.94 -8.46
N GLN A 20 7.07 -15.99 -9.26
CA GLN A 20 7.56 -17.31 -8.85
C GLN A 20 9.05 -17.28 -8.56
N ALA A 21 9.79 -16.50 -9.32
CA ALA A 21 11.24 -16.39 -9.14
C ALA A 21 11.63 -15.34 -8.12
N GLU A 22 10.65 -14.69 -7.48
CA GLU A 22 10.94 -13.66 -6.48
C GLU A 22 11.74 -12.50 -7.07
N ARG A 23 11.45 -12.18 -8.33
CA ARG A 23 12.09 -11.09 -9.05
C ARG A 23 11.08 -9.94 -9.15
N TYR A 24 10.91 -9.24 -8.03
CA TYR A 24 9.81 -8.29 -7.94
C TYR A 24 10.04 -7.01 -8.73
N GLU A 25 11.30 -6.57 -8.89
N GLU A 25 11.30 -6.58 -8.90
CA GLU A 25 11.55 -5.43 -9.77
CA GLU A 25 11.54 -5.43 -9.77
C GLU A 25 11.15 -5.75 -11.20
C GLU A 25 11.15 -5.75 -11.20
N ASP A 26 11.50 -6.94 -11.69
CA ASP A 26 11.05 -7.36 -13.02
C ASP A 26 9.54 -7.43 -13.06
N MET A 27 8.93 -8.05 -12.05
CA MET A 27 7.47 -8.17 -11.99
C MET A 27 6.82 -6.80 -12.14
N ALA A 28 7.33 -5.81 -11.41
CA ALA A 28 6.77 -4.47 -11.49
C ALA A 28 6.95 -3.85 -12.86
N ALA A 29 8.12 -4.01 -13.46
CA ALA A 29 8.33 -3.47 -14.81
C ALA A 29 7.39 -4.12 -15.81
N PHE A 30 7.15 -5.42 -15.69
CA PHE A 30 6.21 -6.08 -16.60
C PHE A 30 4.80 -5.56 -16.39
N MET A 31 4.37 -5.41 -15.14
CA MET A 31 3.01 -4.95 -14.88
C MET A 31 2.83 -3.49 -15.26
N LYS A 32 3.86 -2.65 -15.06
CA LYS A 32 3.80 -1.29 -15.59
C LYS A 32 3.60 -1.30 -17.10
N GLY A 33 4.36 -2.14 -17.81
CA GLY A 33 4.15 -2.27 -19.24
C GLY A 33 2.74 -2.69 -19.58
N ALA A 34 2.19 -3.64 -18.82
CA ALA A 34 0.82 -4.07 -19.07
C ALA A 34 -0.18 -2.94 -18.85
N VAL A 35 -0.04 -2.19 -17.76
CA VAL A 35 -0.93 -1.06 -17.55
C VAL A 35 -0.85 -0.09 -18.72
N GLU A 36 0.36 0.19 -19.18
CA GLU A 36 0.54 1.18 -20.23
C GLU A 36 -0.03 0.75 -21.57
N LYS A 37 -0.46 -0.49 -21.72
CA LYS A 37 -1.20 -0.86 -22.93
C LYS A 37 -2.53 -0.13 -23.01
N GLY A 38 -3.03 0.40 -21.90
CA GLY A 38 -4.21 1.25 -21.92
C GLY A 38 -5.52 0.56 -21.65
N GLU A 39 -5.52 -0.77 -21.59
CA GLU A 39 -6.73 -1.50 -21.24
C GLU A 39 -6.89 -1.56 -19.73
N GLU A 40 -8.14 -1.67 -19.29
CA GLU A 40 -8.40 -1.92 -17.88
C GLU A 40 -7.79 -3.26 -17.44
N LEU A 41 -7.61 -3.42 -16.14
CA LEU A 41 -7.02 -4.62 -15.56
C LEU A 41 -8.11 -5.46 -14.90
N SER A 42 -8.00 -6.77 -15.08
CA SER A 42 -8.86 -7.69 -14.37
C SER A 42 -8.49 -7.76 -12.89
N CYS A 43 -9.28 -8.45 -12.10
CA CYS A 43 -8.96 -8.61 -10.71
C CYS A 43 -7.57 -9.25 -10.49
N GLU A 44 -7.29 -10.31 -11.22
CA GLU A 44 -6.03 -11.00 -11.07
C GLU A 44 -4.88 -10.07 -11.45
N GLU A 45 -5.08 -9.28 -12.50
CA GLU A 45 -4.02 -8.38 -12.96
C GLU A 45 -3.80 -7.23 -11.97
N ARG A 46 -4.86 -6.70 -11.37
CA ARG A 46 -4.70 -5.69 -10.33
C ARG A 46 -3.89 -6.25 -9.18
N ASN A 47 -4.17 -7.50 -8.81
CA ASN A 47 -3.43 -8.10 -7.73
C ASN A 47 -1.96 -8.29 -8.09
N LEU A 48 -1.65 -8.66 -9.34
CA LEU A 48 -0.26 -8.77 -9.74
C LEU A 48 0.44 -7.42 -9.67
N LEU A 49 -0.22 -6.37 -10.11
CA LEU A 49 0.36 -5.03 -10.02
C LEU A 49 0.68 -4.66 -8.58
N SER A 50 -0.26 -4.93 -7.69
CA SER A 50 -0.06 -4.58 -6.29
C SER A 50 1.02 -5.42 -5.64
N VAL A 51 1.02 -6.72 -5.89
CA VAL A 51 2.07 -7.57 -5.33
C VAL A 51 3.44 -7.07 -5.76
N ALA A 52 3.59 -6.74 -7.05
CA ALA A 52 4.91 -6.36 -7.56
C ALA A 52 5.41 -5.11 -6.86
N TYR A 53 4.61 -4.06 -6.87
CA TYR A 53 5.08 -2.79 -6.32
C TYR A 53 5.15 -2.84 -4.80
N LYS A 54 4.28 -3.61 -4.13
CA LYS A 54 4.36 -3.68 -2.68
C LYS A 54 5.67 -4.32 -2.26
N ASN A 55 6.11 -5.33 -2.98
CA ASN A 55 7.36 -5.99 -2.66
C ASN A 55 8.55 -5.08 -2.95
N VAL A 56 8.51 -4.35 -4.07
CA VAL A 56 9.60 -3.41 -4.37
C VAL A 56 9.69 -2.34 -3.29
N VAL A 57 8.58 -1.65 -3.03
N VAL A 57 8.59 -1.62 -3.05
CA VAL A 57 8.62 -0.57 -2.06
CA VAL A 57 8.63 -0.57 -2.05
C VAL A 57 8.85 -1.13 -0.67
C VAL A 57 8.92 -1.15 -0.68
N GLY A 58 8.44 -2.36 -0.40
CA GLY A 58 8.68 -2.95 0.90
C GLY A 58 10.17 -3.09 1.21
N GLY A 59 10.95 -3.53 0.24
CA GLY A 59 12.38 -3.60 0.43
C GLY A 59 12.99 -2.22 0.65
N GLN A 60 12.49 -1.24 -0.09
CA GLN A 60 13.01 0.12 0.05
C GLN A 60 12.68 0.69 1.41
N ARG A 61 11.45 0.47 1.89
CA ARG A 61 11.05 0.96 3.20
C ARG A 61 11.88 0.34 4.30
N ALA A 62 12.12 -0.96 4.21
CA ALA A 62 12.93 -1.64 5.21
C ALA A 62 14.35 -1.08 5.22
N ALA A 63 14.92 -0.85 4.04
CA ALA A 63 16.27 -0.29 3.96
C ALA A 63 16.29 1.13 4.49
N TRP A 64 15.29 1.93 4.13
CA TRP A 64 15.22 3.30 4.62
C TRP A 64 15.16 3.35 6.14
N ARG A 65 14.39 2.44 6.75
CA ARG A 65 14.29 2.45 8.20
C ARG A 65 15.62 2.10 8.85
N VAL A 66 16.36 1.15 8.29
CA VAL A 66 17.68 0.82 8.82
C VAL A 66 18.59 2.04 8.75
N LEU A 67 18.61 2.71 7.59
CA LEU A 67 19.51 3.84 7.39
C LEU A 67 19.10 5.02 8.25
N SER A 68 17.79 5.32 8.30
N SER A 68 17.79 5.23 8.45
CA SER A 68 17.31 6.44 9.10
CA SER A 68 17.34 6.27 9.34
C SER A 68 17.66 6.27 10.57
C SER A 68 17.73 5.99 10.79
N SER A 69 17.60 5.04 11.07
N SER A 69 17.62 4.74 11.23
CA SER A 69 17.97 4.76 12.45
CA SER A 69 17.99 4.43 12.60
C SER A 69 19.45 5.02 12.68
C SER A 69 19.49 4.63 12.84
N ILE A 70 20.30 4.48 11.80
CA ILE A 70 21.74 4.74 11.92
C ILE A 70 21.99 6.24 11.91
N GLU A 71 21.29 6.96 11.05
CA GLU A 71 21.47 8.41 10.94
C GLU A 71 21.06 9.10 12.23
N GLN A 72 19.94 8.69 12.81
CA GLN A 72 19.50 9.32 14.06
C GLN A 72 20.50 9.04 15.19
N LYS A 73 21.04 7.83 15.24
CA LYS A 73 22.09 7.53 16.22
C LYS A 73 23.32 8.42 15.98
N SER A 74 23.66 8.66 14.71
CA SER A 74 24.82 9.47 14.39
C SER A 74 24.64 10.92 14.81
N ASN A 75 23.41 11.34 15.06
CA ASN A 75 23.11 12.72 15.44
C ASN A 75 22.80 12.86 16.93
N GLU A 76 23.16 11.86 17.74
CA GLU A 76 22.98 11.93 19.18
C GLU A 76 24.11 12.75 19.80
N GLU A 77 23.95 13.04 21.09
CA GLU A 77 25.02 13.66 21.87
C GLU A 77 26.07 12.61 22.21
N GLY A 78 27.32 12.91 21.88
CA GLY A 78 28.42 12.00 22.16
C GLY A 78 28.80 11.09 21.02
N SER A 79 28.08 11.13 19.91
CA SER A 79 28.42 10.30 18.75
C SER A 79 29.49 10.99 17.91
N GLU A 80 30.32 10.18 17.28
CA GLU A 80 31.42 10.71 16.48
C GLU A 80 30.92 11.23 15.14
N GLU A 81 31.62 12.23 14.62
CA GLU A 81 31.36 12.72 13.28
C GLU A 81 31.93 11.73 12.26
N LYS A 82 31.08 11.26 11.36
CA LYS A 82 31.48 10.29 10.36
C LYS A 82 31.29 10.81 8.94
N GLY A 83 31.03 12.11 8.78
CA GLY A 83 30.91 12.70 7.48
C GLY A 83 29.49 12.63 6.95
N PRO A 84 29.34 13.03 5.69
CA PRO A 84 28.01 13.13 5.06
C PRO A 84 27.47 11.81 4.53
N GLU A 85 28.21 10.72 4.67
CA GLU A 85 27.90 9.50 3.93
C GLU A 85 26.58 8.86 4.36
N VAL A 86 26.29 8.80 5.66
CA VAL A 86 25.04 8.19 6.11
C VAL A 86 23.85 8.94 5.54
N ARG A 87 23.85 10.27 5.69
CA ARG A 87 22.79 11.10 5.12
C ARG A 87 22.68 10.91 3.61
N GLU A 88 23.81 10.93 2.91
CA GLU A 88 23.78 10.79 1.46
C GLU A 88 23.15 9.48 1.06
N TYR A 89 23.52 8.40 1.72
CA TYR A 89 23.01 7.10 1.31
C TYR A 89 21.54 6.93 1.71
N ARG A 90 21.14 7.41 2.90
CA ARG A 90 19.72 7.44 3.24
C ARG A 90 18.94 8.24 2.21
N GLU A 91 19.49 9.37 1.76
CA GLU A 91 18.83 10.17 0.74
C GLU A 91 18.73 9.43 -0.58
N LYS A 92 19.76 8.67 -0.92
CA LYS A 92 19.72 7.89 -2.17
C LYS A 92 18.57 6.89 -2.13
N VAL A 93 18.48 6.13 -1.06
CA VAL A 93 17.41 5.15 -0.94
C VAL A 93 16.04 5.84 -0.89
N GLU A 94 15.96 6.95 -0.15
CA GLU A 94 14.71 7.70 -0.07
C GLU A 94 14.25 8.17 -1.43
N THR A 95 15.17 8.68 -2.24
CA THR A 95 14.82 9.20 -3.55
C THR A 95 14.33 8.07 -4.46
N GLU A 96 14.96 6.89 -4.37
N GLU A 96 14.96 6.91 -4.39
CA GLU A 96 14.53 5.75 -5.15
CA GLU A 96 14.48 5.78 -5.19
C GLU A 96 13.13 5.29 -4.72
C GLU A 96 13.09 5.37 -4.73
N LEU A 97 12.88 5.30 -3.41
CA LEU A 97 11.55 4.95 -2.89
C LEU A 97 10.50 5.94 -3.37
N GLN A 98 10.78 7.24 -3.29
CA GLN A 98 9.85 8.22 -3.78
C GLN A 98 9.61 8.05 -5.27
N GLY A 99 10.64 7.67 -6.01
CA GLY A 99 10.45 7.43 -7.43
C GLY A 99 9.48 6.31 -7.72
N VAL A 100 9.58 5.22 -6.96
CA VAL A 100 8.65 4.10 -7.12
C VAL A 100 7.23 4.54 -6.75
N CYS A 101 7.08 5.26 -5.64
CA CYS A 101 5.75 5.72 -5.26
C CYS A 101 5.16 6.63 -6.33
N ASP A 102 5.97 7.55 -6.87
CA ASP A 102 5.50 8.44 -7.93
C ASP A 102 5.12 7.66 -9.17
N THR A 103 5.85 6.60 -9.50
CA THR A 103 5.50 5.78 -10.65
C THR A 103 4.13 5.15 -10.45
N VAL A 104 3.91 4.55 -9.28
CA VAL A 104 2.62 3.91 -9.01
C VAL A 104 1.50 4.94 -9.07
N LEU A 105 1.69 6.07 -8.40
CA LEU A 105 0.69 7.12 -8.41
C LEU A 105 0.43 7.60 -9.83
N GLY A 106 1.47 7.65 -10.65
CA GLY A 106 1.29 8.06 -12.04
C GLY A 106 0.46 7.07 -12.84
N LEU A 107 0.62 5.78 -12.59
CA LEU A 107 -0.20 4.80 -13.27
C LEU A 107 -1.65 4.91 -12.84
N LEU A 108 -1.89 5.14 -11.54
CA LEU A 108 -3.24 5.30 -11.05
C LEU A 108 -3.89 6.53 -11.67
N ASP A 109 -3.13 7.61 -11.82
CA ASP A 109 -3.68 8.88 -12.35
C ASP A 109 -3.77 8.84 -13.87
N SER A 110 -3.02 7.97 -14.52
CA SER A 110 -2.90 7.96 -15.99
C SER A 110 -3.00 6.50 -16.48
N HIS A 111 -4.15 5.83 -16.49
CA HIS A 111 -5.55 6.34 -16.32
C HIS A 111 -6.38 5.30 -15.58
N LEU A 112 -5.77 4.57 -14.65
CA LEU A 112 -6.49 3.45 -14.02
C LEU A 112 -7.71 3.93 -13.23
N ILE A 113 -7.55 4.94 -12.38
CA ILE A 113 -8.67 5.35 -11.54
C ILE A 113 -9.83 5.88 -12.39
N LYS A 114 -9.56 6.74 -13.37
CA LYS A 114 -10.66 7.38 -14.06
C LYS A 114 -11.48 6.41 -14.89
N GLU A 115 -10.93 5.25 -15.26
CA GLU A 115 -11.67 4.25 -16.02
C GLU A 115 -12.31 3.18 -15.13
N ALA A 116 -12.05 3.21 -13.82
CA ALA A 116 -12.53 2.19 -12.89
C ALA A 116 -13.90 2.59 -12.37
N GLY A 117 -14.92 1.87 -12.83
CA GLY A 117 -16.29 2.16 -12.46
C GLY A 117 -16.88 1.18 -11.48
N ASP A 118 -16.44 -0.06 -11.49
CA ASP A 118 -16.99 -1.02 -10.55
C ASP A 118 -16.38 -0.80 -9.18
N ALA A 119 -17.14 -1.08 -8.13
CA ALA A 119 -16.65 -0.80 -6.79
C ALA A 119 -15.34 -1.55 -6.51
N GLU A 120 -15.23 -2.79 -6.96
CA GLU A 120 -14.07 -3.60 -6.64
C GLU A 120 -12.79 -3.06 -7.26
N SER A 121 -12.88 -2.51 -8.47
CA SER A 121 -11.69 -1.92 -9.07
C SER A 121 -11.42 -0.55 -8.50
N ARG A 122 -12.45 0.29 -8.39
CA ARG A 122 -12.26 1.66 -7.94
C ARG A 122 -11.74 1.72 -6.52
N VAL A 123 -12.32 0.94 -5.62
CA VAL A 123 -11.84 0.91 -4.25
C VAL A 123 -10.40 0.39 -4.18
N PHE A 124 -10.10 -0.66 -4.95
CA PHE A 124 -8.75 -1.19 -4.98
C PHE A 124 -7.73 -0.12 -5.36
N TYR A 125 -8.03 0.65 -6.42
CA TYR A 125 -7.08 1.64 -6.88
C TYR A 125 -6.98 2.83 -5.93
N LEU A 126 -8.11 3.26 -5.35
CA LEU A 126 -8.06 4.36 -4.40
C LEU A 126 -7.34 3.97 -3.13
N LYS A 127 -7.50 2.74 -2.67
CA LYS A 127 -6.70 2.23 -1.57
C LYS A 127 -5.22 2.27 -1.92
N MET A 128 -4.87 1.80 -3.13
CA MET A 128 -3.48 1.89 -3.55
C MET A 128 -2.96 3.32 -3.52
N LYS A 129 -3.76 4.26 -4.00
CA LYS A 129 -3.37 5.66 -3.99
C LYS A 129 -3.10 6.12 -2.57
N GLY A 130 -4.00 5.78 -1.63
CA GLY A 130 -3.73 6.12 -0.25
C GLY A 130 -2.45 5.48 0.28
N ASP A 131 -2.24 4.20 -0.05
CA ASP A 131 -1.06 3.48 0.43
C ASP A 131 0.23 4.14 -0.03
N TYR A 132 0.31 4.51 -1.32
CA TYR A 132 1.57 5.04 -1.84
C TYR A 132 1.80 6.49 -1.39
N TYR A 133 0.73 7.28 -1.19
CA TYR A 133 0.92 8.53 -0.48
C TYR A 133 1.34 8.30 0.98
N ARG A 134 0.84 7.23 1.62
CA ARG A 134 1.27 6.94 2.98
C ARG A 134 2.76 6.59 3.01
N TYR A 135 3.23 5.82 2.03
CA TYR A 135 4.66 5.51 2.00
C TYR A 135 5.48 6.78 1.75
N LEU A 136 5.00 7.70 0.91
CA LEU A 136 5.65 8.99 0.79
C LEU A 136 5.65 9.74 2.12
N ALA A 137 4.54 9.67 2.87
CA ALA A 137 4.44 10.39 4.15
C ALA A 137 5.42 9.85 5.16
N GLU A 138 5.72 8.56 5.09
CA GLU A 138 6.64 7.95 6.04
C GLU A 138 8.02 8.60 6.00
N VAL A 139 8.42 9.14 4.85
CA VAL A 139 9.75 9.71 4.69
C VAL A 139 9.71 11.22 4.55
N ALA A 140 8.53 11.84 4.57
CA ALA A 140 8.38 13.25 4.29
C ALA A 140 8.75 14.09 5.49
N THR A 141 9.44 15.18 5.19
CA THR A 141 9.77 16.24 6.14
C THR A 141 9.62 17.55 5.36
N GLY A 142 9.65 18.66 6.05
CA GLY A 142 9.55 19.93 5.34
C GLY A 142 8.13 20.27 4.92
N ASP A 143 8.05 21.11 3.88
CA ASP A 143 6.88 21.97 3.67
C ASP A 143 5.74 21.29 2.93
N ASP A 144 5.91 20.07 2.42
CA ASP A 144 4.85 19.37 1.72
C ASP A 144 4.32 18.16 2.48
N LYS A 145 4.87 17.86 3.66
CA LYS A 145 4.44 16.69 4.43
C LYS A 145 2.95 16.74 4.75
N LYS A 146 2.46 17.92 5.15
CA LYS A 146 1.03 18.03 5.44
C LYS A 146 0.21 17.74 4.21
N ARG A 147 0.64 18.21 3.04
CA ARG A 147 -0.13 17.97 1.84
C ARG A 147 -0.07 16.51 1.44
N ILE A 148 1.06 15.84 1.66
CA ILE A 148 1.15 14.42 1.33
C ILE A 148 0.22 13.63 2.23
N ILE A 149 0.19 13.95 3.52
CA ILE A 149 -0.70 13.29 4.45
C ILE A 149 -2.14 13.50 4.04
N ASP A 150 -2.49 14.72 3.64
CA ASP A 150 -3.87 14.98 3.25
C ASP A 150 -4.23 14.23 1.98
N SER A 151 -3.29 14.07 1.06
CA SER A 151 -3.55 13.30 -0.15
C SER A 151 -3.83 11.83 0.19
N ALA A 152 -3.06 11.25 1.10
CA ALA A 152 -3.37 9.88 1.54
C ALA A 152 -4.74 9.81 2.15
N ARG A 153 -5.05 10.73 3.07
N ARG A 153 -5.04 10.72 3.07
CA ARG A 153 -6.34 10.72 3.75
CA ARG A 153 -6.34 10.74 3.75
C ARG A 153 -7.47 10.83 2.74
C ARG A 153 -7.47 10.82 2.74
N SER A 154 -7.35 11.73 1.76
CA SER A 154 -8.42 11.96 0.82
C SER A 154 -8.70 10.71 -0.01
N ALA A 155 -7.64 10.03 -0.46
CA ALA A 155 -7.83 8.82 -1.23
C ALA A 155 -8.48 7.72 -0.40
N TYR A 156 -7.96 7.50 0.80
CA TYR A 156 -8.55 6.50 1.68
C TYR A 156 -10.01 6.82 1.96
N GLN A 157 -10.34 8.10 2.20
CA GLN A 157 -11.72 8.45 2.55
C GLN A 157 -12.66 8.20 1.38
N GLU A 158 -12.26 8.56 0.16
CA GLU A 158 -13.10 8.27 -1.00
C GLU A 158 -13.32 6.78 -1.14
N ALA A 159 -12.27 5.99 -0.95
CA ALA A 159 -12.38 4.54 -1.03
C ALA A 159 -13.31 4.01 0.05
N MET A 160 -13.20 4.55 1.27
N MET A 160 -13.18 4.56 1.26
CA MET A 160 -14.06 4.11 2.36
CA MET A 160 -14.03 4.16 2.37
C MET A 160 -15.52 4.40 2.04
C MET A 160 -15.50 4.42 2.06
N ASP A 161 -15.80 5.61 1.55
CA ASP A 161 -17.18 5.96 1.25
C ASP A 161 -17.80 5.00 0.24
N ILE A 162 -17.06 4.69 -0.84
CA ILE A 162 -17.57 3.74 -1.83
C ILE A 162 -17.75 2.37 -1.20
N SER A 163 -16.74 1.91 -0.44
CA SER A 163 -16.77 0.55 0.07
C SER A 163 -17.93 0.33 1.03
N LYS A 164 -18.27 1.33 1.83
CA LYS A 164 -19.35 1.17 2.78
C LYS A 164 -20.71 1.15 2.08
N LYS A 165 -20.84 1.85 0.96
CA LYS A 165 -22.08 1.86 0.20
C LYS A 165 -22.23 0.62 -0.68
N GLU A 166 -21.14 0.09 -1.22
CA GLU A 166 -21.20 -0.87 -2.32
C GLU A 166 -20.73 -2.27 -2.00
N MET A 167 -20.08 -2.50 -0.86
CA MET A 167 -19.52 -3.80 -0.55
C MET A 167 -20.02 -4.27 0.80
N PRO A 168 -20.15 -5.58 1.01
CA PRO A 168 -20.48 -6.09 2.32
C PRO A 168 -19.32 -5.90 3.28
N PRO A 169 -19.60 -5.92 4.58
CA PRO A 169 -18.54 -5.63 5.57
C PRO A 169 -17.44 -6.66 5.61
N THR A 170 -17.65 -7.83 5.04
CA THR A 170 -16.62 -8.87 4.99
C THR A 170 -15.81 -8.85 3.71
N ASN A 171 -16.16 -8.02 2.75
CA ASN A 171 -15.42 -8.01 1.50
C ASN A 171 -13.92 -7.79 1.76
N PRO A 172 -13.03 -8.65 1.28
CA PRO A 172 -11.61 -8.50 1.62
C PRO A 172 -11.00 -7.17 1.19
N ILE A 173 -11.45 -6.59 0.07
CA ILE A 173 -10.94 -5.28 -0.34
C ILE A 173 -11.36 -4.22 0.68
N ARG A 174 -12.63 -4.24 1.07
CA ARG A 174 -13.12 -3.32 2.10
C ARG A 174 -12.33 -3.50 3.40
N LEU A 175 -12.11 -4.74 3.80
CA LEU A 175 -11.38 -5.00 5.03
C LEU A 175 -9.94 -4.51 4.95
N GLY A 176 -9.25 -4.81 3.86
CA GLY A 176 -7.87 -4.37 3.74
C GLY A 176 -7.73 -2.86 3.67
N LEU A 177 -8.70 -2.19 3.04
CA LEU A 177 -8.75 -0.74 3.04
C LEU A 177 -8.89 -0.20 4.46
N ALA A 178 -9.84 -0.72 5.21
CA ALA A 178 -10.05 -0.22 6.56
C ALA A 178 -8.83 -0.48 7.43
N LEU A 179 -8.24 -1.67 7.29
CA LEU A 179 -6.99 -1.96 7.97
C LEU A 179 -5.93 -0.91 7.67
N ASN A 180 -5.70 -0.60 6.40
CA ASN A 180 -4.64 0.34 6.05
C ASN A 180 -4.98 1.77 6.45
N PHE A 181 -6.26 2.16 6.37
CA PHE A 181 -6.64 3.49 6.84
C PHE A 181 -6.41 3.60 8.34
N SER A 182 -6.68 2.51 9.09
CA SER A 182 -6.42 2.55 10.53
C SER A 182 -4.93 2.71 10.80
N VAL A 183 -4.08 2.04 10.01
CA VAL A 183 -2.63 2.22 10.14
C VAL A 183 -2.24 3.65 9.82
N PHE A 184 -2.81 4.23 8.77
CA PHE A 184 -2.61 5.64 8.50
C PHE A 184 -2.92 6.49 9.72
N HIS A 185 -4.08 6.25 10.35
CA HIS A 185 -4.45 7.07 11.51
C HIS A 185 -3.43 6.92 12.62
N TYR A 186 -3.00 5.69 12.89
CA TYR A 186 -2.13 5.43 14.02
C TYR A 186 -0.73 5.94 13.78
N GLU A 187 -0.17 5.63 12.60
CA GLU A 187 1.26 5.79 12.34
C GLU A 187 1.60 7.10 11.65
N ILE A 188 0.66 7.71 10.93
CA ILE A 188 0.93 8.89 10.11
C ILE A 188 0.25 10.12 10.68
N ALA A 189 -1.05 10.01 11.01
CA ALA A 189 -1.89 11.15 11.32
C ALA A 189 -1.95 11.44 12.82
N ASN A 190 -1.19 10.74 13.65
CA ASN A 190 -1.19 10.97 15.09
C ASN A 190 -2.59 10.89 15.68
N SER A 191 -3.38 9.94 15.18
CA SER A 191 -4.78 9.77 15.60
C SER A 191 -4.99 8.34 16.08
N PRO A 192 -4.32 7.93 17.15
CA PRO A 192 -4.50 6.54 17.61
C PRO A 192 -5.92 6.19 18.00
N GLU A 193 -6.67 7.12 18.59
CA GLU A 193 -8.03 6.77 18.95
C GLU A 193 -8.87 6.48 17.72
N GLU A 194 -8.71 7.28 16.66
CA GLU A 194 -9.42 7.02 15.42
C GLU A 194 -9.04 5.66 14.85
N ALA A 195 -7.75 5.32 14.92
CA ALA A 195 -7.28 4.04 14.41
C ALA A 195 -7.95 2.90 15.16
N ILE A 196 -7.97 2.98 16.49
CA ILE A 196 -8.57 1.94 17.32
C ILE A 196 -10.06 1.83 17.05
N SER A 197 -10.76 2.95 16.97
N SER A 197 -10.76 2.96 16.93
CA SER A 197 -12.19 2.92 16.72
CA SER A 197 -12.20 2.92 16.72
C SER A 197 -12.47 2.27 15.37
C SER A 197 -12.55 2.36 15.35
N LEU A 198 -11.75 2.69 14.33
CA LEU A 198 -11.97 2.12 13.01
C LEU A 198 -11.70 0.63 13.02
N ALA A 199 -10.61 0.20 13.64
CA ALA A 199 -10.32 -1.23 13.62
C ALA A 199 -11.39 -2.03 14.33
N LYS A 200 -11.90 -1.50 15.46
N LYS A 200 -11.86 -1.52 15.48
CA LYS A 200 -12.89 -2.26 16.23
CA LYS A 200 -12.90 -2.19 16.26
C LYS A 200 -14.23 -2.31 15.51
C LYS A 200 -14.19 -2.31 15.47
N THR A 201 -14.67 -1.18 14.95
CA THR A 201 -15.93 -1.19 14.22
C THR A 201 -15.85 -2.08 13.00
N THR A 202 -14.72 -2.02 12.28
CA THR A 202 -14.56 -2.85 11.09
C THR A 202 -14.61 -4.32 11.47
N PHE A 203 -13.89 -4.70 12.53
CA PHE A 203 -13.85 -6.09 12.97
C PHE A 203 -15.24 -6.56 13.37
N ASP A 204 -15.96 -5.77 14.16
CA ASP A 204 -17.25 -6.20 14.68
C ASP A 204 -18.29 -6.31 13.56
N GLU A 205 -18.27 -5.40 12.60
CA GLU A 205 -19.25 -5.46 11.53
C GLU A 205 -18.95 -6.62 10.59
N ALA A 206 -17.68 -6.95 10.41
CA ALA A 206 -17.35 -8.14 9.64
C ALA A 206 -17.78 -9.40 10.36
N MET A 207 -17.50 -9.49 11.66
CA MET A 207 -17.90 -10.65 12.44
C MET A 207 -19.37 -10.97 12.23
N ALA A 208 -20.21 -9.95 12.28
CA ALA A 208 -21.66 -10.13 12.19
C ALA A 208 -22.12 -10.53 10.81
N ASP A 209 -21.26 -10.46 9.81
CA ASP A 209 -21.61 -10.82 8.44
C ASP A 209 -20.96 -12.14 8.01
N LEU A 210 -20.11 -12.74 8.84
CA LEU A 210 -19.45 -13.98 8.45
C LEU A 210 -20.45 -15.10 8.14
N HIS A 211 -21.62 -15.08 8.78
CA HIS A 211 -22.58 -16.17 8.61
C HIS A 211 -23.08 -16.30 7.18
N THR A 212 -22.90 -15.25 6.38
CA THR A 212 -23.40 -15.25 5.01
C THR A 212 -22.44 -15.91 4.04
N LEU A 213 -21.24 -16.28 4.48
CA LEU A 213 -20.12 -16.64 3.61
C LEU A 213 -19.91 -18.14 3.48
N SER A 214 -19.43 -18.53 2.30
CA SER A 214 -18.91 -19.86 2.08
C SER A 214 -17.65 -20.08 2.90
N GLU A 215 -17.23 -21.33 2.99
CA GLU A 215 -16.00 -21.66 3.69
C GLU A 215 -14.82 -20.90 3.12
N ASP A 216 -14.69 -20.85 1.80
CA ASP A 216 -13.53 -20.20 1.21
C ASP A 216 -13.54 -18.69 1.46
N SER A 217 -14.70 -18.05 1.31
CA SER A 217 -14.79 -16.63 1.60
C SER A 217 -14.55 -16.33 3.07
N TYR A 218 -15.04 -17.18 3.94
CA TYR A 218 -14.82 -17.06 5.40
C TYR A 218 -13.32 -17.05 5.68
N LYS A 219 -12.55 -17.91 5.01
CA LYS A 219 -11.11 -17.92 5.23
C LYS A 219 -10.47 -16.59 4.80
N ASP A 220 -10.89 -16.07 3.64
CA ASP A 220 -10.34 -14.80 3.15
C ASP A 220 -10.63 -13.66 4.12
N SER A 221 -11.89 -13.55 4.57
CA SER A 221 -12.27 -12.45 5.44
C SER A 221 -11.61 -12.56 6.81
N THR A 222 -11.60 -13.76 7.39
CA THR A 222 -11.05 -13.89 8.74
C THR A 222 -9.55 -13.66 8.75
N LEU A 223 -8.86 -13.93 7.64
CA LEU A 223 -7.43 -13.65 7.60
C LEU A 223 -7.17 -12.16 7.84
N ILE A 224 -7.93 -11.30 7.16
CA ILE A 224 -7.72 -9.85 7.34
C ILE A 224 -8.26 -9.39 8.69
N MET A 225 -9.36 -9.98 9.15
CA MET A 225 -9.86 -9.65 10.48
C MET A 225 -8.82 -9.90 11.55
N GLN A 226 -8.03 -10.96 11.41
CA GLN A 226 -7.00 -11.25 12.39
C GLN A 226 -5.93 -10.17 12.41
N LEU A 227 -5.65 -9.54 11.27
CA LEU A 227 -4.71 -8.42 11.26
C LEU A 227 -5.26 -7.22 12.02
N LEU A 228 -6.55 -6.95 11.88
CA LEU A 228 -7.19 -5.91 12.68
C LEU A 228 -7.02 -6.21 14.16
N ARG A 229 -7.28 -7.47 14.55
CA ARG A 229 -7.15 -7.86 15.94
C ARG A 229 -5.70 -7.75 16.41
N ASP A 230 -4.74 -8.15 15.57
CA ASP A 230 -3.33 -8.03 15.95
C ASP A 230 -2.96 -6.59 16.21
N ASN A 231 -3.43 -5.67 15.36
CA ASN A 231 -3.17 -4.26 15.60
C ASN A 231 -3.85 -3.78 16.88
N LEU A 232 -5.11 -4.16 17.11
CA LEU A 232 -5.74 -3.75 18.35
C LEU A 232 -4.96 -4.23 19.56
N THR A 233 -4.44 -5.45 19.52
CA THR A 233 -3.60 -5.94 20.63
C THR A 233 -2.34 -5.09 20.80
N LEU A 234 -1.72 -4.70 19.69
CA LEU A 234 -0.53 -3.84 19.76
C LEU A 234 -0.86 -2.46 20.32
N TRP A 235 -2.03 -1.92 19.98
CA TRP A 235 -2.36 -0.52 20.23
C TRP A 235 -3.04 -0.30 21.58
N THR A 236 -3.49 -1.35 22.24
CA THR A 236 -4.24 -1.22 23.49
C THR A 236 -3.61 -2.07 24.59
N ARG B 1 5.80 -2.36 14.96
CA ARG B 1 5.17 -1.83 13.75
C ARG B 1 3.79 -2.42 13.53
N SER B 2 2.88 -1.59 13.03
CA SER B 2 1.53 -2.03 12.77
C SER B 2 1.47 -2.90 11.52
N HIS B 3 0.50 -3.80 11.49
CA HIS B 3 0.29 -4.66 10.36
C HIS B 3 -0.57 -3.94 9.35
N SER B 5 -2.24 -4.36 5.13
CA SER B 5 -2.88 -5.42 4.36
C SER B 5 -1.88 -6.15 3.49
N PRO B 6 -2.13 -7.44 3.22
CA PRO B 6 -1.37 -8.11 2.17
C PRO B 6 -1.63 -7.43 0.83
N ALA B 7 -0.75 -7.61 -0.14
CA ALA B 7 -0.95 -6.96 -1.46
C ALA B 7 -2.10 -7.58 -2.25
N SER B 8 -2.31 -8.89 -2.14
CA SER B 8 -3.35 -9.56 -2.93
C SER B 8 -4.65 -9.70 -2.11
N LEU B 9 -5.74 -9.14 -2.63
CA LEU B 9 -7.08 -9.18 -2.06
C LEU B 9 -8.06 -9.64 -3.13
N GLN B 10 -9.09 -10.36 -2.71
CA GLN B 10 -10.05 -10.95 -3.66
C GLN B 10 -11.36 -10.18 -3.64
#